data_3KXL
#
_entry.id   3KXL
#
_cell.length_a   55.608
_cell.length_b   71.136
_cell.length_c   97.112
_cell.angle_alpha   90.00
_cell.angle_beta   96.98
_cell.angle_gamma   90.00
#
_symmetry.space_group_name_H-M   'P 1 21 1'
#
loop_
_entity.id
_entity.type
_entity.pdbx_description
1 polymer 'GTP-binding protein (HflX)'
2 non-polymer 'THIOCYANATE ION'
3 water water
#
_entity_poly.entity_id   1
_entity_poly.type   'polypeptide(L)'
_entity_poly.pdbx_seq_one_letter_code
;MKTAALFVSKEFEEEAIALVEGANYKVTSIYKLPKSPNVKFYIQYDKLQQIKNDEEISTLIIFEQLKPRHFINIRRELKG
KEVLDKILLLLEIFALHAGSKEAKMQIELARLKYELPIIKETYTKSKIGEQQGPLGAGTYGVESTIKFYKRRINKLMKEL
ESIKIFKEKSIESNKRNNIPSIGIVGYTNSGKTSLFNSLTGLTQKVDTKLFTTMSPKRYAIPINNRKIMLVDTVSFIRGI
PPQIVDAFFVTLSEAKYSDALILVIDSTFSENLLIETLQSSFEILREIGVSGKPILVTLNKIDKINGDLYKKLDLVEKLS
KELYSPIFDVIPISALKRTNLELLRDKIYQLATQLSLEHHHHHH
;
_entity_poly.pdbx_strand_id   A,B
#
loop_
_chem_comp.id
_chem_comp.type
_chem_comp.name
_chem_comp.formula
SCN non-polymer 'THIOCYANATE ION' 'C N S -1'
#
# COMPACT_ATOMS: atom_id res chain seq x y z
N MET A 1 -0.72 -11.22 -25.75
CA MET A 1 -0.92 -10.70 -24.40
C MET A 1 -2.06 -9.69 -24.35
N LYS A 2 -2.10 -8.89 -23.29
CA LYS A 2 -3.15 -7.90 -23.12
C LYS A 2 -2.96 -6.71 -24.06
N THR A 3 -4.04 -6.31 -24.72
CA THR A 3 -3.99 -5.21 -25.67
C THR A 3 -4.40 -3.89 -25.04
N ALA A 4 -4.14 -2.80 -25.73
CA ALA A 4 -4.46 -1.46 -25.21
C ALA A 4 -4.64 -0.43 -26.31
N ALA A 5 -5.57 0.50 -26.10
CA ALA A 5 -5.78 1.61 -27.01
C ALA A 5 -5.08 2.84 -26.46
N LEU A 6 -4.24 3.48 -27.28
CA LEU A 6 -3.42 4.59 -26.81
C LEU A 6 -3.85 5.94 -27.38
N PHE A 7 -4.07 6.89 -26.49
CA PHE A 7 -4.33 8.28 -26.87
C PHE A 7 -3.14 9.13 -26.47
N VAL A 8 -2.49 9.75 -27.46
CA VAL A 8 -1.29 10.53 -27.20
C VAL A 8 -0.98 11.48 -28.35
N SER A 9 -0.38 12.62 -28.02
CA SER A 9 0.07 13.57 -29.03
C SER A 9 1.16 12.96 -29.89
N LYS A 10 1.39 13.56 -31.06
CA LYS A 10 2.39 13.05 -32.00
C LYS A 10 3.82 13.13 -31.46
N GLU A 11 4.05 14.06 -30.54
CA GLU A 11 5.39 14.25 -29.98
C GLU A 11 5.73 13.20 -28.93
N PHE A 12 4.76 12.87 -28.09
CA PHE A 12 4.98 11.88 -27.03
C PHE A 12 4.61 10.47 -27.49
N GLU A 13 4.16 10.35 -28.74
CA GLU A 13 3.72 9.06 -29.26
C GLU A 13 4.78 7.99 -29.19
N GLU A 14 5.98 8.29 -29.70
CA GLU A 14 7.08 7.33 -29.71
C GLU A 14 7.41 6.87 -28.29
N GLU A 15 7.54 7.81 -27.38
CA GLU A 15 7.84 7.51 -25.99
C GLU A 15 6.70 6.72 -25.34
N ALA A 16 5.46 7.15 -25.61
CA ALA A 16 4.28 6.50 -25.05
C ALA A 16 4.22 5.03 -25.45
N ILE A 17 4.42 4.76 -26.74
CA ILE A 17 4.39 3.39 -27.24
C ILE A 17 5.46 2.54 -26.56
N ALA A 18 6.64 3.11 -26.38
CA ALA A 18 7.74 2.42 -25.72
C ALA A 18 7.40 2.10 -24.26
N LEU A 19 6.82 3.08 -23.56
CA LEU A 19 6.44 2.91 -22.16
C LEU A 19 5.31 1.88 -22.03
N VAL A 20 4.29 2.03 -22.85
CA VAL A 20 3.15 1.12 -22.83
C VAL A 20 3.58 -0.32 -23.07
N GLU A 21 4.37 -0.53 -24.12
CA GLU A 21 4.89 -1.85 -24.44
C GLU A 21 5.80 -2.36 -23.34
N GLY A 22 6.45 -1.45 -22.63
CA GLY A 22 7.30 -1.80 -21.51
C GLY A 22 6.47 -2.27 -20.34
N ALA A 23 5.20 -1.90 -20.33
CA ALA A 23 4.28 -2.32 -19.29
C ALA A 23 3.55 -3.60 -19.71
N ASN A 24 4.11 -4.30 -20.69
CA ASN A 24 3.56 -5.55 -21.18
C ASN A 24 2.20 -5.39 -21.87
N TYR A 25 2.06 -4.31 -22.63
CA TYR A 25 0.84 -4.07 -23.40
C TYR A 25 1.12 -4.08 -24.89
N LYS A 26 0.20 -4.65 -25.67
CA LYS A 26 0.29 -4.59 -27.12
C LYS A 26 -0.62 -3.50 -27.67
N VAL A 27 -0.02 -2.43 -28.18
CA VAL A 27 -0.77 -1.31 -28.73
C VAL A 27 -1.45 -1.68 -30.04
N THR A 28 -2.78 -1.81 -30.00
CA THR A 28 -3.55 -2.18 -31.18
C THR A 28 -4.02 -0.96 -31.96
N SER A 29 -4.56 0.02 -31.23
CA SER A 29 -5.06 1.23 -31.87
C SER A 29 -4.45 2.49 -31.24
N ILE A 30 -4.17 3.48 -32.08
CA ILE A 30 -3.56 4.73 -31.62
C ILE A 30 -4.38 5.93 -32.07
N TYR A 31 -4.57 6.88 -31.16
CA TYR A 31 -5.29 8.12 -31.46
C TYR A 31 -4.56 9.31 -30.84
N LYS A 32 -4.76 10.48 -31.41
CA LYS A 32 -4.15 11.69 -30.85
C LYS A 32 -5.04 12.28 -29.77
N LEU A 33 -4.45 13.13 -28.93
CA LEU A 33 -5.20 13.79 -27.86
C LEU A 33 -6.24 14.74 -28.43
N PRO A 34 -7.42 14.79 -27.81
CA PRO A 34 -8.53 15.65 -28.25
C PRO A 34 -8.14 17.12 -28.26
N LYS A 35 -8.51 17.84 -29.31
CA LYS A 35 -8.30 19.28 -29.37
C LYS A 35 -8.83 19.94 -28.11
N SER A 36 -10.13 19.80 -27.89
CA SER A 36 -10.78 20.28 -26.68
C SER A 36 -11.27 19.10 -25.86
N PRO A 37 -10.45 18.64 -24.90
CA PRO A 37 -10.74 17.46 -24.07
C PRO A 37 -12.19 17.46 -23.58
N ASN A 38 -12.89 16.36 -23.85
CA ASN A 38 -14.27 16.21 -23.41
C ASN A 38 -14.39 16.42 -21.90
N VAL A 39 -15.35 17.25 -21.49
CA VAL A 39 -15.50 17.59 -20.08
C VAL A 39 -16.05 16.42 -19.28
N LYS A 40 -16.59 15.43 -19.98
CA LYS A 40 -17.24 14.29 -19.35
C LYS A 40 -16.28 13.13 -19.15
N PHE A 41 -15.80 12.57 -20.26
CA PHE A 41 -14.92 11.41 -20.21
C PHE A 41 -13.53 11.72 -20.75
N TYR A 42 -13.24 13.01 -20.93
CA TYR A 42 -11.98 13.47 -21.49
C TYR A 42 -11.84 13.12 -22.97
N ILE A 43 -12.55 12.08 -23.40
CA ILE A 43 -12.57 11.68 -24.79
C ILE A 43 -14.01 11.53 -25.27
N GLN A 44 -14.20 11.67 -26.59
CA GLN A 44 -15.52 11.55 -27.19
C GLN A 44 -16.29 10.36 -26.63
N TYR A 45 -17.57 10.57 -26.35
CA TYR A 45 -18.42 9.50 -25.80
C TYR A 45 -18.60 8.36 -26.79
N ASP A 46 -18.64 8.69 -28.08
CA ASP A 46 -18.81 7.68 -29.13
C ASP A 46 -17.57 6.81 -29.26
N LYS A 47 -16.41 7.36 -28.90
CA LYS A 47 -15.16 6.63 -29.01
C LYS A 47 -14.96 5.73 -27.79
N LEU A 48 -15.43 6.21 -26.63
CA LEU A 48 -15.36 5.43 -25.41
C LEU A 48 -16.26 4.19 -25.52
N GLN A 49 -17.40 4.35 -26.19
CA GLN A 49 -18.33 3.24 -26.38
C GLN A 49 -17.74 2.20 -27.33
N GLN A 50 -17.11 2.68 -28.40
CA GLN A 50 -16.48 1.79 -29.37
C GLN A 50 -15.44 0.91 -28.70
N ILE A 51 -14.58 1.53 -27.90
CA ILE A 51 -13.54 0.81 -27.17
C ILE A 51 -14.16 -0.09 -26.11
N LYS A 52 -15.27 0.37 -25.53
CA LYS A 52 -15.97 -0.41 -24.51
C LYS A 52 -16.52 -1.71 -25.08
N ASN A 53 -17.01 -1.66 -26.31
CA ASN A 53 -17.62 -2.82 -26.95
C ASN A 53 -16.66 -3.60 -27.84
N ASP A 54 -15.37 -3.29 -27.72
CA ASP A 54 -14.35 -3.97 -28.51
C ASP A 54 -13.58 -4.97 -27.67
N GLU A 55 -13.97 -6.24 -27.76
CA GLU A 55 -13.34 -7.29 -26.97
C GLU A 55 -11.85 -7.44 -27.27
N GLU A 56 -11.41 -6.90 -28.41
CA GLU A 56 -10.02 -6.98 -28.81
C GLU A 56 -9.18 -5.90 -28.10
N ILE A 57 -9.80 -5.23 -27.14
CA ILE A 57 -9.11 -4.21 -26.34
C ILE A 57 -9.45 -4.38 -24.87
N SER A 58 -8.42 -4.57 -24.05
CA SER A 58 -8.62 -4.85 -22.63
C SER A 58 -8.38 -3.62 -21.76
N THR A 59 -7.52 -2.72 -22.21
CA THR A 59 -7.15 -1.56 -21.41
C THR A 59 -7.12 -0.27 -22.22
N LEU A 60 -7.61 0.81 -21.63
CA LEU A 60 -7.56 2.14 -22.24
C LEU A 60 -6.44 2.95 -21.61
N ILE A 61 -5.52 3.46 -22.43
CA ILE A 61 -4.40 4.22 -21.93
C ILE A 61 -4.31 5.60 -22.57
N ILE A 62 -4.41 6.63 -21.74
CA ILE A 62 -4.29 8.01 -22.20
C ILE A 62 -3.01 8.63 -21.64
N PHE A 63 -2.15 9.11 -22.53
CA PHE A 63 -0.88 9.69 -22.11
C PHE A 63 -1.05 11.14 -21.67
N GLU A 64 -1.77 11.33 -20.58
CA GLU A 64 -2.01 12.64 -20.00
C GLU A 64 -2.47 12.46 -18.56
N GLN A 65 -2.51 13.56 -17.81
CA GLN A 65 -3.01 13.51 -16.44
C GLN A 65 -4.51 13.78 -16.39
N LEU A 66 -5.29 12.75 -16.09
CA LEU A 66 -6.74 12.88 -16.03
C LEU A 66 -7.20 13.37 -14.67
N LYS A 67 -8.30 14.11 -14.67
CA LYS A 67 -8.91 14.58 -13.42
C LYS A 67 -9.73 13.45 -12.80
N PRO A 68 -9.88 13.48 -11.47
CA PRO A 68 -10.68 12.46 -10.77
C PRO A 68 -12.04 12.28 -11.42
N ARG A 69 -12.60 13.38 -11.93
CA ARG A 69 -13.87 13.36 -12.63
C ARG A 69 -13.85 12.38 -13.80
N HIS A 70 -12.80 12.46 -14.61
CA HIS A 70 -12.68 11.63 -15.80
C HIS A 70 -12.59 10.15 -15.44
N PHE A 71 -11.79 9.83 -14.43
CA PHE A 71 -11.62 8.45 -13.99
C PHE A 71 -12.95 7.82 -13.59
N ILE A 72 -13.70 8.53 -12.74
CA ILE A 72 -14.99 8.03 -12.26
C ILE A 72 -15.97 7.79 -13.41
N ASN A 73 -16.05 8.76 -14.31
CA ASN A 73 -16.97 8.68 -15.45
C ASN A 73 -16.58 7.57 -16.43
N ILE A 74 -15.29 7.45 -16.70
CA ILE A 74 -14.80 6.44 -17.63
C ILE A 74 -14.91 5.03 -17.06
N ARG A 75 -14.48 4.87 -15.81
CA ARG A 75 -14.51 3.56 -15.16
C ARG A 75 -15.93 3.02 -15.03
N ARG A 76 -16.87 3.90 -14.69
CA ARG A 76 -18.27 3.48 -14.56
C ARG A 76 -18.89 3.20 -15.93
N GLU A 77 -18.09 3.29 -16.98
CA GLU A 77 -18.55 3.00 -18.33
C GLU A 77 -17.87 1.75 -18.89
N LEU A 78 -16.60 1.57 -18.56
CA LEU A 78 -15.82 0.44 -19.07
C LEU A 78 -16.26 -0.89 -18.47
N LYS A 79 -16.88 -0.83 -17.29
CA LYS A 79 -17.38 -2.02 -16.61
C LYS A 79 -16.26 -2.87 -16.01
N GLY A 80 -15.44 -3.47 -16.88
CA GLY A 80 -14.36 -4.33 -16.43
C GLY A 80 -13.00 -3.91 -16.93
N LYS A 81 -12.97 -3.27 -18.10
CA LYS A 81 -11.72 -2.84 -18.70
C LYS A 81 -11.06 -1.72 -17.90
N GLU A 82 -9.75 -1.83 -17.69
CA GLU A 82 -9.00 -0.84 -16.92
C GLU A 82 -8.72 0.42 -17.73
N VAL A 83 -8.57 1.54 -17.04
CA VAL A 83 -8.19 2.79 -17.68
C VAL A 83 -6.97 3.39 -16.99
N LEU A 84 -5.99 3.80 -17.78
CA LEU A 84 -4.74 4.33 -17.25
C LEU A 84 -4.36 5.67 -17.87
N ASP A 85 -3.97 6.62 -17.02
CA ASP A 85 -3.40 7.87 -17.50
C ASP A 85 -1.88 7.76 -17.40
N LYS A 86 -1.19 8.88 -17.58
CA LYS A 86 0.27 8.86 -17.53
C LYS A 86 0.79 8.42 -16.17
N ILE A 87 0.22 8.98 -15.11
CA ILE A 87 0.68 8.70 -13.75
C ILE A 87 0.47 7.24 -13.35
N LEU A 88 -0.72 6.71 -13.61
CA LEU A 88 -1.01 5.32 -13.29
C LEU A 88 -0.19 4.36 -14.14
N LEU A 89 0.05 4.75 -15.39
CA LEU A 89 0.87 3.94 -16.30
C LEU A 89 2.30 3.83 -15.78
N LEU A 90 2.88 4.96 -15.40
CA LEU A 90 4.26 4.99 -14.90
C LEU A 90 4.40 4.21 -13.60
N LEU A 91 3.46 4.40 -12.69
CA LEU A 91 3.47 3.69 -11.42
C LEU A 91 3.34 2.18 -11.65
N GLU A 92 2.54 1.81 -12.64
CA GLU A 92 2.37 0.40 -12.99
C GLU A 92 3.67 -0.16 -13.56
N ILE A 93 4.39 0.68 -14.31
CA ILE A 93 5.67 0.29 -14.88
C ILE A 93 6.72 0.10 -13.79
N PHE A 94 6.80 1.06 -12.87
CA PHE A 94 7.75 1.00 -11.77
C PHE A 94 7.59 -0.29 -10.97
N ALA A 95 6.34 -0.65 -10.71
CA ALA A 95 6.03 -1.86 -9.94
C ALA A 95 6.62 -3.12 -10.58
N LEU A 96 6.67 -3.12 -11.91
CA LEU A 96 7.22 -4.26 -12.64
C LEU A 96 8.72 -4.39 -12.43
N HIS A 97 9.39 -3.25 -12.29
CA HIS A 97 10.84 -3.23 -12.08
C HIS A 97 11.18 -3.38 -10.59
N ALA A 98 10.37 -2.76 -9.74
CA ALA A 98 10.64 -2.73 -8.30
C ALA A 98 10.94 -4.11 -7.73
N GLY A 99 12.05 -4.20 -7.01
CA GLY A 99 12.45 -5.46 -6.38
C GLY A 99 12.58 -5.33 -4.88
N SER A 100 12.90 -4.13 -4.41
CA SER A 100 13.06 -3.88 -2.98
C SER A 100 11.75 -3.43 -2.34
N LYS A 101 11.67 -3.54 -1.02
CA LYS A 101 10.48 -3.16 -0.29
C LYS A 101 10.18 -1.67 -0.41
N GLU A 102 11.21 -0.85 -0.29
CA GLU A 102 11.04 0.60 -0.31
C GLU A 102 10.41 1.07 -1.62
N ALA A 103 10.89 0.54 -2.74
CA ALA A 103 10.36 0.90 -4.04
C ALA A 103 8.88 0.51 -4.13
N LYS A 104 8.61 -0.77 -3.86
CA LYS A 104 7.24 -1.29 -3.90
C LYS A 104 6.28 -0.46 -3.05
N MET A 105 6.76 -0.02 -1.89
CA MET A 105 5.93 0.76 -0.97
C MET A 105 5.76 2.20 -1.45
N GLN A 106 6.84 2.80 -1.92
CA GLN A 106 6.77 4.16 -2.47
C GLN A 106 5.80 4.20 -3.64
N ILE A 107 5.85 3.18 -4.48
CA ILE A 107 4.96 3.09 -5.64
C ILE A 107 3.50 2.96 -5.20
N GLU A 108 3.24 2.01 -4.31
CA GLU A 108 1.89 1.78 -3.81
C GLU A 108 1.35 3.00 -3.06
N LEU A 109 2.20 3.61 -2.25
CA LEU A 109 1.83 4.81 -1.50
C LEU A 109 1.35 5.91 -2.45
N ALA A 110 2.17 6.21 -3.46
CA ALA A 110 1.83 7.23 -4.43
C ALA A 110 0.59 6.85 -5.22
N ARG A 111 0.39 5.56 -5.43
CA ARG A 111 -0.76 5.07 -6.18
C ARG A 111 -2.05 5.30 -5.39
N LEU A 112 -2.01 5.01 -4.10
CA LEU A 112 -3.16 5.20 -3.23
C LEU A 112 -3.47 6.68 -3.04
N LYS A 113 -2.43 7.51 -2.98
CA LYS A 113 -2.60 8.95 -2.87
C LYS A 113 -3.28 9.52 -4.11
N TYR A 114 -3.13 8.82 -5.22
CA TYR A 114 -3.68 9.28 -6.49
C TYR A 114 -5.10 8.74 -6.69
N GLU A 115 -5.39 7.64 -6.02
CA GLU A 115 -6.71 7.01 -6.12
C GLU A 115 -7.68 7.56 -5.08
N LEU A 116 -7.13 8.08 -3.99
CA LEU A 116 -7.96 8.59 -2.89
C LEU A 116 -8.93 9.69 -3.36
N PRO A 117 -8.40 10.73 -4.05
CA PRO A 117 -9.28 11.79 -4.54
C PRO A 117 -10.34 11.27 -5.49
N ILE A 118 -10.01 10.19 -6.21
CA ILE A 118 -10.94 9.59 -7.15
C ILE A 118 -12.07 8.85 -6.43
N ILE A 119 -11.74 8.21 -5.32
CA ILE A 119 -12.72 7.44 -4.57
C ILE A 119 -13.52 8.34 -3.61
N LYS A 120 -12.94 9.48 -3.24
CA LYS A 120 -13.62 10.44 -2.39
C LYS A 120 -14.72 11.15 -3.16
N GLU A 121 -14.57 11.20 -4.49
CA GLU A 121 -15.51 11.92 -5.34
C GLU A 121 -16.57 10.98 -5.92
N THR A 122 -16.76 9.84 -5.30
CA THR A 122 -17.76 8.88 -5.74
C THR A 122 -18.80 8.62 -4.65
N ASN A 177 26.32 -20.89 -9.19
CA ASN A 177 27.00 -20.69 -7.91
C ASN A 177 27.35 -19.24 -7.68
N ASN A 178 27.88 -18.59 -8.72
CA ASN A 178 28.28 -17.19 -8.65
C ASN A 178 27.68 -16.38 -9.81
N ILE A 179 26.54 -15.76 -9.57
CA ILE A 179 25.84 -15.03 -10.62
C ILE A 179 25.90 -13.52 -10.42
N PRO A 180 26.66 -12.83 -11.29
CA PRO A 180 26.78 -11.36 -11.26
C PRO A 180 25.53 -10.68 -11.78
N SER A 181 25.26 -9.47 -11.31
CA SER A 181 24.12 -8.70 -11.77
C SER A 181 24.56 -7.58 -12.73
N ILE A 182 24.00 -7.57 -13.92
CA ILE A 182 24.32 -6.55 -14.91
C ILE A 182 23.08 -5.76 -15.30
N GLY A 183 22.90 -4.60 -14.68
CA GLY A 183 21.76 -3.74 -14.96
C GLY A 183 21.92 -2.98 -16.27
N ILE A 184 20.86 -2.96 -17.07
CA ILE A 184 20.88 -2.24 -18.34
C ILE A 184 20.15 -0.91 -18.21
N VAL A 185 20.92 0.17 -18.09
CA VAL A 185 20.35 1.50 -17.91
C VAL A 185 20.34 2.31 -19.21
N GLY A 186 19.66 3.44 -19.18
CA GLY A 186 19.56 4.31 -20.34
C GLY A 186 18.20 4.96 -20.46
N TYR A 187 18.05 5.87 -21.42
CA TYR A 187 16.78 6.53 -21.65
C TYR A 187 15.80 5.62 -22.38
N THR A 188 14.52 6.01 -22.40
CA THR A 188 13.48 5.23 -23.06
C THR A 188 13.74 5.15 -24.56
N ASN A 189 14.36 6.19 -25.10
CA ASN A 189 14.63 6.26 -26.53
C ASN A 189 15.98 5.64 -26.92
N SER A 190 16.69 5.11 -25.93
CA SER A 190 18.00 4.52 -26.18
C SER A 190 17.88 3.15 -26.84
N GLY A 191 16.72 2.52 -26.70
CA GLY A 191 16.50 1.20 -27.25
C GLY A 191 17.04 0.11 -26.34
N LYS A 192 17.16 0.44 -25.06
CA LYS A 192 17.68 -0.48 -24.05
C LYS A 192 16.82 -1.74 -23.93
N THR A 193 15.51 -1.58 -24.12
CA THR A 193 14.59 -2.70 -24.03
C THR A 193 14.87 -3.71 -25.14
N SER A 194 15.07 -3.21 -26.35
CA SER A 194 15.38 -4.07 -27.49
C SER A 194 16.67 -4.83 -27.26
N LEU A 195 17.63 -4.17 -26.62
CA LEU A 195 18.91 -4.80 -26.29
C LEU A 195 18.73 -5.94 -25.30
N PHE A 196 17.89 -5.70 -24.29
CA PHE A 196 17.60 -6.72 -23.28
C PHE A 196 16.96 -7.93 -23.93
N ASN A 197 16.02 -7.70 -24.84
CA ASN A 197 15.33 -8.79 -25.52
C ASN A 197 16.24 -9.58 -26.46
N SER A 198 17.25 -8.92 -27.00
CA SER A 198 18.19 -9.57 -27.90
C SER A 198 19.17 -10.46 -27.14
N LEU A 199 19.71 -9.94 -26.04
CA LEU A 199 20.65 -10.69 -25.22
C LEU A 199 19.93 -11.85 -24.52
N THR A 200 18.64 -11.66 -24.26
CA THR A 200 17.84 -12.67 -23.59
C THR A 200 17.29 -13.70 -24.57
N GLY A 201 16.89 -13.22 -25.75
CA GLY A 201 16.34 -14.08 -26.78
C GLY A 201 14.83 -14.03 -26.85
N LEU A 202 14.24 -13.08 -26.12
CA LEU A 202 12.79 -12.93 -26.12
C LEU A 202 12.27 -12.45 -27.47
N SER A 215 6.92 -9.77 -20.21
CA SER A 215 8.31 -10.21 -20.21
C SER A 215 9.01 -9.87 -18.89
N PRO A 216 9.83 -10.81 -18.39
CA PRO A 216 10.57 -10.65 -17.14
C PRO A 216 11.53 -9.47 -17.18
N LYS A 217 11.67 -8.77 -16.06
CA LYS A 217 12.62 -7.67 -15.95
C LYS A 217 13.98 -8.19 -15.49
N ARG A 218 14.00 -9.44 -15.04
CA ARG A 218 15.25 -10.10 -14.67
C ARG A 218 15.35 -11.46 -15.36
N TYR A 219 16.46 -11.67 -16.07
CA TYR A 219 16.65 -12.90 -16.82
C TYR A 219 18.13 -13.29 -16.89
N ALA A 220 18.41 -14.55 -16.57
CA ALA A 220 19.78 -15.05 -16.61
C ALA A 220 20.10 -15.65 -17.98
N ILE A 221 21.29 -15.35 -18.49
CA ILE A 221 21.71 -15.88 -19.78
C ILE A 221 23.07 -16.59 -19.68
N PRO A 222 23.20 -17.71 -20.39
CA PRO A 222 24.46 -18.47 -20.44
C PRO A 222 25.45 -17.88 -21.43
N ILE A 223 26.65 -17.58 -20.97
CA ILE A 223 27.73 -17.17 -21.84
C ILE A 223 28.96 -18.04 -21.56
N ASN A 224 29.20 -19.01 -22.42
CA ASN A 224 30.26 -19.99 -22.19
C ASN A 224 29.98 -20.82 -20.94
N ASN A 225 30.88 -20.75 -19.97
CA ASN A 225 30.70 -21.48 -18.72
C ASN A 225 30.22 -20.57 -17.59
N ARG A 226 29.72 -19.39 -17.96
CA ARG A 226 29.22 -18.43 -16.99
C ARG A 226 27.76 -18.07 -17.26
N LYS A 227 27.04 -17.74 -16.20
CA LYS A 227 25.65 -17.31 -16.35
C LYS A 227 25.46 -15.92 -15.74
N ILE A 228 25.02 -14.98 -16.56
CA ILE A 228 24.90 -13.59 -16.14
C ILE A 228 23.44 -13.19 -15.92
N MET A 229 23.18 -12.53 -14.80
CA MET A 229 21.84 -12.03 -14.49
C MET A 229 21.62 -10.64 -15.08
N LEU A 230 20.92 -10.58 -16.21
CA LEU A 230 20.61 -9.31 -16.84
C LEU A 230 19.39 -8.66 -16.19
N VAL A 231 19.56 -7.42 -15.74
CA VAL A 231 18.48 -6.69 -15.09
C VAL A 231 18.00 -5.52 -15.94
N ASP A 232 16.80 -5.65 -16.49
CA ASP A 232 16.19 -4.57 -17.24
C ASP A 232 15.61 -3.54 -16.28
N THR A 233 16.43 -2.57 -15.90
CA THR A 233 16.01 -1.54 -14.94
C THR A 233 15.11 -0.50 -15.60
N VAL A 234 14.40 0.26 -14.77
CA VAL A 234 13.52 1.31 -15.27
C VAL A 234 14.33 2.39 -15.99
N SER A 235 13.95 2.67 -17.24
CA SER A 235 14.69 3.64 -18.05
C SER A 235 14.55 5.06 -17.50
N PHE A 236 15.53 5.90 -17.79
CA PHE A 236 15.48 7.29 -17.37
C PHE A 236 14.29 7.99 -18.02
N ILE A 237 13.61 8.83 -17.26
CA ILE A 237 12.44 9.54 -17.77
C ILE A 237 12.55 11.04 -17.55
N ARG A 238 12.40 11.80 -18.62
CA ARG A 238 12.45 13.25 -18.55
C ARG A 238 11.08 13.81 -18.19
N GLY A 239 11.05 14.86 -17.38
CA GLY A 239 9.81 15.49 -16.97
C GLY A 239 8.85 14.52 -16.31
N ILE A 240 9.17 14.12 -15.09
CA ILE A 240 8.33 13.19 -14.33
C ILE A 240 7.39 13.94 -13.38
N PRO A 241 6.11 13.54 -13.36
CA PRO A 241 5.12 14.13 -12.45
C PRO A 241 5.65 14.20 -11.02
N PRO A 242 5.56 15.38 -10.39
CA PRO A 242 6.08 15.62 -9.05
C PRO A 242 5.53 14.63 -8.01
N GLN A 243 4.33 14.12 -8.24
CA GLN A 243 3.69 13.23 -7.28
C GLN A 243 4.30 11.83 -7.25
N ILE A 244 5.07 11.48 -8.28
CA ILE A 244 5.67 10.15 -8.35
C ILE A 244 7.19 10.20 -8.43
N VAL A 245 7.76 11.34 -8.07
CA VAL A 245 9.22 11.51 -8.10
C VAL A 245 9.93 10.53 -7.17
N ASP A 246 9.46 10.47 -5.92
CA ASP A 246 10.06 9.58 -4.93
C ASP A 246 9.93 8.12 -5.33
N ALA A 247 8.80 7.77 -5.93
CA ALA A 247 8.56 6.41 -6.39
C ALA A 247 9.55 6.01 -7.47
N PHE A 248 9.82 6.94 -8.39
CA PHE A 248 10.73 6.68 -9.49
C PHE A 248 12.19 6.66 -9.03
N PHE A 249 12.54 7.60 -8.16
CA PHE A 249 13.91 7.70 -7.66
C PHE A 249 14.36 6.41 -6.99
N VAL A 250 13.51 5.86 -6.13
CA VAL A 250 13.83 4.64 -5.41
C VAL A 250 13.89 3.42 -6.33
N THR A 251 12.95 3.34 -7.27
CA THR A 251 12.90 2.25 -8.22
C THR A 251 14.14 2.26 -9.12
N LEU A 252 14.58 3.46 -9.49
CA LEU A 252 15.75 3.62 -10.33
C LEU A 252 17.03 3.38 -9.52
N SER A 253 17.02 3.83 -8.27
CA SER A 253 18.18 3.68 -7.40
C SER A 253 18.54 2.22 -7.16
N GLU A 254 17.62 1.31 -7.47
CA GLU A 254 17.87 -0.11 -7.32
C GLU A 254 19.00 -0.59 -8.22
N ALA A 255 19.37 0.25 -9.18
CA ALA A 255 20.45 -0.08 -10.11
C ALA A 255 21.82 0.04 -9.44
N LYS A 256 21.84 0.65 -8.25
CA LYS A 256 23.09 0.81 -7.51
C LYS A 256 23.56 -0.51 -6.92
N TYR A 257 22.66 -1.49 -6.88
CA TYR A 257 22.96 -2.78 -6.27
C TYR A 257 23.51 -3.77 -7.30
N SER A 258 23.61 -3.33 -8.55
CA SER A 258 24.17 -4.18 -9.60
C SER A 258 25.69 -4.17 -9.53
N ASP A 259 26.30 -5.30 -9.89
CA ASP A 259 27.75 -5.41 -9.90
C ASP A 259 28.35 -4.57 -11.02
N ALA A 260 27.65 -4.51 -12.14
CA ALA A 260 28.06 -3.69 -13.27
C ALA A 260 26.83 -3.18 -14.01
N LEU A 261 27.03 -2.29 -14.97
CA LEU A 261 25.92 -1.71 -15.71
C LEU A 261 26.23 -1.60 -17.20
N ILE A 262 25.17 -1.55 -18.01
CA ILE A 262 25.30 -1.33 -19.44
C ILE A 262 24.53 -0.08 -19.83
N LEU A 263 25.26 1.03 -20.00
CA LEU A 263 24.65 2.30 -20.36
C LEU A 263 24.36 2.36 -21.86
N VAL A 264 23.07 2.31 -22.20
CA VAL A 264 22.65 2.37 -23.61
C VAL A 264 22.48 3.82 -24.05
N ILE A 265 23.09 4.17 -25.17
CA ILE A 265 23.06 5.54 -25.67
C ILE A 265 22.46 5.63 -27.07
N ASP A 266 21.47 6.49 -27.23
CA ASP A 266 20.84 6.71 -28.53
C ASP A 266 21.76 7.55 -29.43
N SER A 267 22.29 6.92 -30.47
CA SER A 267 23.25 7.58 -31.35
C SER A 267 22.57 8.52 -32.33
N THR A 268 21.27 8.36 -32.53
CA THR A 268 20.53 9.16 -33.50
C THR A 268 20.55 10.65 -33.16
N PHE A 269 20.89 10.97 -31.91
CA PHE A 269 20.95 12.36 -31.47
C PHE A 269 22.05 13.14 -32.21
N SER A 270 21.83 14.43 -32.37
CA SER A 270 22.83 15.32 -32.96
C SER A 270 24.02 15.44 -32.01
N GLU A 271 25.10 16.04 -32.50
CA GLU A 271 26.33 16.14 -31.72
C GLU A 271 26.12 16.69 -30.31
N ASN A 272 25.52 17.86 -30.21
CA ASN A 272 25.28 18.48 -28.90
C ASN A 272 24.27 17.71 -28.05
N LEU A 273 23.18 17.27 -28.66
CA LEU A 273 22.16 16.50 -27.95
C LEU A 273 22.72 15.16 -27.47
N LEU A 274 23.62 14.59 -28.26
CA LEU A 274 24.26 13.33 -27.90
C LEU A 274 25.13 13.51 -26.66
N ILE A 275 25.87 14.62 -26.63
CA ILE A 275 26.70 14.95 -25.48
C ILE A 275 25.82 15.17 -24.26
N GLU A 276 24.65 15.75 -24.48
CA GLU A 276 23.71 16.03 -23.39
C GLU A 276 23.13 14.74 -22.82
N THR A 277 22.80 13.81 -23.70
CA THR A 277 22.24 12.52 -23.28
C THR A 277 23.28 11.71 -22.50
N LEU A 278 24.51 11.71 -22.98
CA LEU A 278 25.60 11.02 -22.31
C LEU A 278 25.87 11.63 -20.95
N GLN A 279 26.01 12.95 -20.93
CA GLN A 279 26.30 13.68 -19.71
C GLN A 279 25.18 13.51 -18.67
N SER A 280 23.94 13.61 -19.14
CA SER A 280 22.78 13.44 -18.27
C SER A 280 22.72 12.04 -17.69
N SER A 281 22.96 11.04 -18.53
CA SER A 281 22.93 9.66 -18.10
C SER A 281 23.87 9.41 -16.92
N PHE A 282 25.12 9.85 -17.06
CA PHE A 282 26.10 9.69 -15.99
C PHE A 282 25.75 10.52 -14.77
N GLU A 283 25.17 11.70 -15.01
CA GLU A 283 24.72 12.57 -13.92
C GLU A 283 23.65 11.87 -13.09
N ILE A 284 22.66 11.29 -13.76
CA ILE A 284 21.59 10.56 -13.10
C ILE A 284 22.15 9.37 -12.32
N LEU A 285 23.05 8.63 -12.95
CA LEU A 285 23.68 7.48 -12.29
C LEU A 285 24.47 7.92 -11.08
N ARG A 286 24.93 9.16 -11.10
CA ARG A 286 25.66 9.72 -9.97
C ARG A 286 24.69 10.06 -8.83
N GLU A 287 23.52 10.56 -9.19
CA GLU A 287 22.51 10.95 -8.22
C GLU A 287 21.94 9.74 -7.49
N ILE A 288 21.74 8.65 -8.22
CA ILE A 288 21.17 7.44 -7.62
C ILE A 288 22.19 6.71 -6.76
N GLY A 289 23.41 7.23 -6.70
CA GLY A 289 24.43 6.70 -5.83
C GLY A 289 25.28 5.59 -6.43
N VAL A 290 25.51 5.66 -7.74
CA VAL A 290 26.34 4.67 -8.41
C VAL A 290 27.78 5.16 -8.52
N SER A 291 28.72 4.32 -8.06
CA SER A 291 30.13 4.66 -8.12
C SER A 291 30.98 3.39 -7.93
N GLY A 292 32.10 3.33 -8.63
CA GLY A 292 32.99 2.19 -8.55
C GLY A 292 32.53 1.04 -9.41
N LYS A 293 31.27 1.09 -9.85
CA LYS A 293 30.70 0.06 -10.71
C LYS A 293 31.21 0.20 -12.14
N PRO A 294 31.76 -0.90 -12.69
CA PRO A 294 32.21 -0.94 -14.08
C PRO A 294 31.04 -0.68 -15.03
N ILE A 295 31.19 0.33 -15.89
CA ILE A 295 30.12 0.67 -16.84
C ILE A 295 30.53 0.35 -18.27
N LEU A 296 29.73 -0.48 -18.94
CA LEU A 296 29.97 -0.81 -20.34
C LEU A 296 29.00 -0.02 -21.21
N VAL A 297 29.51 1.05 -21.82
CA VAL A 297 28.69 1.92 -22.67
C VAL A 297 28.47 1.28 -24.03
N THR A 298 27.22 1.30 -24.49
CA THR A 298 26.88 0.77 -25.80
C THR A 298 26.14 1.81 -26.62
N LEU A 299 26.77 2.28 -27.70
CA LEU A 299 26.17 3.25 -28.60
C LEU A 299 25.17 2.56 -29.51
N ASN A 300 23.90 2.64 -29.14
CA ASN A 300 22.82 1.95 -29.84
C ASN A 300 22.29 2.79 -31.00
N LYS A 301 21.53 2.14 -31.88
CA LYS A 301 20.91 2.81 -33.03
C LYS A 301 21.92 3.23 -34.10
N ILE A 302 22.89 2.37 -34.38
CA ILE A 302 23.91 2.68 -35.39
C ILE A 302 23.40 2.46 -36.81
N ASP A 303 22.43 1.57 -36.96
CA ASP A 303 21.85 1.27 -38.26
C ASP A 303 20.96 2.40 -38.74
N LYS A 304 20.59 3.29 -37.82
CA LYS A 304 19.73 4.42 -38.14
C LYS A 304 20.54 5.71 -38.30
N ILE A 305 21.84 5.62 -38.06
CA ILE A 305 22.72 6.77 -38.21
C ILE A 305 22.67 7.33 -39.63
N ASN A 306 22.94 6.46 -40.61
CA ASN A 306 22.94 6.87 -42.00
C ASN A 306 23.87 8.07 -42.24
N GLY A 307 25.13 7.92 -41.82
CA GLY A 307 26.10 8.99 -41.96
C GLY A 307 27.47 8.62 -41.42
N ASP A 308 27.92 9.36 -40.42
CA ASP A 308 29.24 9.13 -39.84
C ASP A 308 29.13 8.53 -38.44
N LEU A 309 29.73 7.34 -38.28
CA LEU A 309 29.68 6.64 -36.99
C LEU A 309 30.89 6.99 -36.12
N TYR A 310 32.06 7.02 -36.73
CA TYR A 310 33.29 7.32 -36.00
C TYR A 310 33.22 8.68 -35.33
N LYS A 311 32.53 9.62 -35.96
CA LYS A 311 32.40 10.97 -35.43
C LYS A 311 31.70 10.96 -34.07
N LYS A 312 30.64 10.17 -33.96
CA LYS A 312 29.87 10.09 -32.73
C LYS A 312 30.47 9.06 -31.77
N LEU A 313 30.97 7.96 -32.32
CA LEU A 313 31.59 6.91 -31.50
C LEU A 313 32.77 7.44 -30.73
N ASP A 314 33.69 8.10 -31.43
CA ASP A 314 34.87 8.67 -30.80
C ASP A 314 34.47 9.64 -29.70
N LEU A 315 33.45 10.46 -29.98
CA LEU A 315 32.96 11.42 -29.01
C LEU A 315 32.48 10.71 -27.75
N VAL A 316 31.65 9.69 -27.93
CA VAL A 316 31.12 8.93 -26.81
C VAL A 316 32.23 8.29 -25.99
N GLU A 317 33.16 7.63 -26.68
CA GLU A 317 34.26 6.95 -26.00
C GLU A 317 35.17 7.93 -25.26
N LYS A 318 35.49 9.03 -25.92
CA LYS A 318 36.41 10.01 -25.36
C LYS A 318 35.76 10.82 -24.23
N LEU A 319 34.44 10.93 -24.28
CA LEU A 319 33.71 11.70 -23.29
C LEU A 319 33.37 10.85 -22.06
N SER A 320 33.05 9.58 -22.29
CA SER A 320 32.67 8.68 -21.22
C SER A 320 33.79 8.50 -20.19
N LYS A 321 35.02 8.40 -20.68
CA LYS A 321 36.16 8.22 -19.79
C LYS A 321 36.40 9.45 -18.93
N GLU A 322 35.97 10.61 -19.42
CA GLU A 322 36.14 11.87 -18.69
C GLU A 322 35.00 12.10 -17.70
N LEU A 323 33.87 11.47 -17.95
CA LEU A 323 32.68 11.67 -17.12
C LEU A 323 32.60 10.68 -15.96
N TYR A 324 33.04 9.45 -16.18
CA TYR A 324 32.90 8.41 -15.18
C TYR A 324 34.07 7.44 -15.15
N SER A 325 34.26 6.81 -13.99
CA SER A 325 35.27 5.77 -13.83
C SER A 325 34.78 4.76 -12.80
N PRO A 326 35.02 3.46 -13.05
CA PRO A 326 35.72 2.95 -14.23
C PRO A 326 34.79 2.70 -15.42
N ILE A 327 35.29 2.89 -16.63
CA ILE A 327 34.55 2.55 -17.84
C ILE A 327 35.15 1.30 -18.46
N PHE A 328 34.42 0.20 -18.40
CA PHE A 328 34.92 -1.08 -18.92
C PHE A 328 35.25 -0.98 -20.41
N ASP A 329 34.28 -0.52 -21.20
CA ASP A 329 34.48 -0.40 -22.64
C ASP A 329 33.37 0.41 -23.29
N VAL A 330 33.56 0.77 -24.56
CA VAL A 330 32.58 1.55 -25.30
C VAL A 330 32.45 0.99 -26.71
N ILE A 331 31.40 0.21 -26.96
CA ILE A 331 31.22 -0.44 -28.26
C ILE A 331 29.91 -0.02 -28.93
N PRO A 332 29.91 0.05 -30.27
CA PRO A 332 28.73 0.34 -31.08
C PRO A 332 27.88 -0.90 -31.29
N ILE A 333 26.56 -0.77 -31.21
CA ILE A 333 25.66 -1.90 -31.41
C ILE A 333 24.39 -1.50 -32.12
N SER A 334 23.62 -2.51 -32.54
CA SER A 334 22.31 -2.30 -33.14
C SER A 334 21.38 -3.43 -32.73
N ALA A 335 20.72 -3.26 -31.58
CA ALA A 335 19.89 -4.31 -30.98
C ALA A 335 18.90 -4.96 -31.95
N LEU A 336 18.24 -4.16 -32.77
CA LEU A 336 17.25 -4.69 -33.71
C LEU A 336 17.90 -5.54 -34.80
N LYS A 337 18.88 -4.97 -35.51
CA LYS A 337 19.59 -5.69 -36.56
C LYS A 337 20.58 -6.71 -35.97
N ARG A 338 20.60 -6.77 -34.64
CA ARG A 338 21.53 -7.66 -33.93
C ARG A 338 22.96 -7.52 -34.43
N THR A 339 23.36 -6.30 -34.77
CA THR A 339 24.71 -6.04 -35.23
C THR A 339 25.67 -5.91 -34.06
N ASN A 340 26.83 -6.55 -34.17
CA ASN A 340 27.87 -6.46 -33.15
C ASN A 340 27.46 -7.07 -31.81
N LEU A 341 26.29 -7.71 -31.77
CA LEU A 341 25.82 -8.35 -30.54
C LEU A 341 26.72 -9.50 -30.14
N GLU A 342 27.28 -10.19 -31.13
CA GLU A 342 28.23 -11.26 -30.87
C GLU A 342 29.42 -10.71 -30.12
N LEU A 343 29.91 -9.55 -30.58
CA LEU A 343 31.00 -8.86 -29.91
C LEU A 343 30.59 -8.46 -28.50
N LEU A 344 29.34 -8.04 -28.36
CA LEU A 344 28.82 -7.59 -27.08
C LEU A 344 28.87 -8.71 -26.03
N ARG A 345 28.44 -9.90 -26.43
CA ARG A 345 28.46 -11.05 -25.52
C ARG A 345 29.87 -11.33 -25.03
N ASP A 346 30.84 -11.22 -25.92
CA ASP A 346 32.23 -11.42 -25.58
C ASP A 346 32.65 -10.45 -24.48
N LYS A 347 32.28 -9.18 -24.65
CA LYS A 347 32.60 -8.15 -23.67
C LYS A 347 31.90 -8.41 -22.33
N ILE A 348 30.68 -8.96 -22.40
CA ILE A 348 29.95 -9.30 -21.19
C ILE A 348 30.68 -10.39 -20.42
N TYR A 349 31.14 -11.41 -21.14
CA TYR A 349 31.86 -12.51 -20.53
C TYR A 349 33.13 -12.02 -19.84
N GLN A 350 33.90 -11.20 -20.56
CA GLN A 350 35.13 -10.64 -20.02
C GLN A 350 34.85 -9.82 -18.77
N LEU A 351 33.73 -9.11 -18.77
CA LEU A 351 33.31 -8.31 -17.63
C LEU A 351 32.96 -9.20 -16.45
N ALA A 352 32.18 -10.24 -16.70
CA ALA A 352 31.79 -11.19 -15.67
C ALA A 352 33.01 -11.89 -15.10
N THR A 353 33.96 -12.22 -15.96
CA THR A 353 35.21 -12.85 -15.54
C THR A 353 35.98 -11.93 -14.61
N GLN A 354 35.97 -10.64 -14.92
CA GLN A 354 36.66 -9.64 -14.12
C GLN A 354 36.02 -9.48 -12.74
N LEU A 355 34.70 -9.43 -12.71
CA LEU A 355 33.94 -9.22 -11.48
C LEU A 355 34.23 -10.31 -10.44
N SER A 356 34.50 -11.52 -10.91
CA SER A 356 34.74 -12.64 -10.02
C SER A 356 36.15 -12.61 -9.42
N LEU A 357 37.11 -12.16 -10.21
CA LEU A 357 38.50 -12.09 -9.76
C LEU A 357 38.76 -10.83 -8.94
N GLU A 358 37.79 -9.94 -8.91
CA GLU A 358 37.93 -8.66 -8.23
C GLU A 358 38.30 -8.80 -6.76
N HIS A 359 37.76 -9.84 -6.11
CA HIS A 359 37.99 -10.03 -4.68
C HIS A 359 38.55 -11.41 -4.37
N HIS A 360 39.16 -12.05 -5.36
CA HIS A 360 39.71 -13.39 -5.19
C HIS A 360 41.18 -13.33 -4.78
N HIS A 361 41.62 -14.33 -4.01
CA HIS A 361 43.00 -14.43 -3.58
C HIS A 361 43.44 -15.89 -3.45
N LYS B 2 -2.43 -18.18 15.46
CA LYS B 2 -1.43 -17.13 15.41
C LYS B 2 -1.16 -16.55 16.80
N THR B 3 -0.16 -17.11 17.47
CA THR B 3 0.18 -16.71 18.83
C THR B 3 0.90 -15.36 18.86
N ALA B 4 1.01 -14.77 20.04
CA ALA B 4 1.64 -13.47 20.19
C ALA B 4 2.09 -13.20 21.63
N ALA B 5 3.21 -12.50 21.77
CA ALA B 5 3.71 -12.10 23.08
C ALA B 5 3.50 -10.60 23.27
N LEU B 6 2.93 -10.24 24.41
CA LEU B 6 2.55 -8.84 24.66
C LEU B 6 3.38 -8.18 25.75
N PHE B 7 3.83 -6.96 25.46
CA PHE B 7 4.53 -6.13 26.42
C PHE B 7 3.72 -4.87 26.69
N VAL B 8 3.18 -4.75 27.90
CA VAL B 8 2.31 -3.62 28.23
C VAL B 8 2.34 -3.31 29.72
N SER B 9 2.16 -2.03 30.06
CA SER B 9 2.12 -1.60 31.44
C SER B 9 0.89 -2.16 32.15
N LYS B 10 0.85 -2.03 33.47
CA LYS B 10 -0.24 -2.57 34.27
C LYS B 10 -1.58 -1.92 33.91
N GLU B 11 -1.56 -0.63 33.65
CA GLU B 11 -2.79 0.14 33.42
C GLU B 11 -3.41 -0.12 32.04
N PHE B 12 -2.57 -0.25 31.02
CA PHE B 12 -3.05 -0.45 29.66
C PHE B 12 -3.16 -1.92 29.29
N GLU B 13 -2.77 -2.80 30.22
CA GLU B 13 -2.80 -4.23 29.97
C GLU B 13 -4.21 -4.72 29.65
N GLU B 14 -5.18 -4.23 30.41
CA GLU B 14 -6.57 -4.62 30.20
C GLU B 14 -7.03 -4.25 28.79
N GLU B 15 -6.73 -3.03 28.37
CA GLU B 15 -7.09 -2.54 27.05
C GLU B 15 -6.35 -3.28 25.96
N ALA B 16 -5.06 -3.49 26.16
CA ALA B 16 -4.20 -4.12 25.16
C ALA B 16 -4.64 -5.55 24.82
N ILE B 17 -4.90 -6.34 25.86
CA ILE B 17 -5.29 -7.73 25.67
C ILE B 17 -6.51 -7.86 24.76
N ALA B 18 -7.49 -6.99 24.96
CA ALA B 18 -8.70 -7.00 24.15
C ALA B 18 -8.38 -6.66 22.69
N LEU B 19 -7.48 -5.71 22.49
CA LEU B 19 -7.08 -5.29 21.16
C LEU B 19 -6.34 -6.41 20.43
N VAL B 20 -5.38 -7.02 21.12
CA VAL B 20 -4.59 -8.11 20.56
C VAL B 20 -5.49 -9.27 20.13
N GLU B 21 -6.36 -9.69 21.04
CA GLU B 21 -7.27 -10.80 20.78
C GLU B 21 -8.30 -10.40 19.72
N GLY B 22 -8.70 -9.13 19.72
CA GLY B 22 -9.62 -8.61 18.73
C GLY B 22 -9.01 -8.58 17.35
N ALA B 23 -7.68 -8.62 17.30
CA ALA B 23 -6.96 -8.64 16.03
C ALA B 23 -6.69 -10.06 15.60
N ASN B 24 -7.44 -11.01 16.15
CA ASN B 24 -7.29 -12.42 15.85
C ASN B 24 -5.93 -12.99 16.27
N TYR B 25 -5.53 -12.67 17.49
CA TYR B 25 -4.28 -13.17 18.05
C TYR B 25 -4.52 -13.93 19.34
N LYS B 26 -3.83 -15.05 19.51
CA LYS B 26 -3.90 -15.82 20.75
C LYS B 26 -2.80 -15.36 21.71
N VAL B 27 -3.17 -14.51 22.66
CA VAL B 27 -2.21 -13.99 23.63
C VAL B 27 -1.64 -15.13 24.47
N THR B 28 -0.37 -15.46 24.23
CA THR B 28 0.29 -16.53 24.95
C THR B 28 1.14 -16.02 26.11
N SER B 29 2.02 -15.07 25.81
CA SER B 29 2.91 -14.51 26.83
C SER B 29 2.60 -13.05 27.10
N ILE B 30 2.77 -12.64 28.36
CA ILE B 30 2.55 -11.25 28.75
C ILE B 30 3.61 -10.78 29.73
N TYR B 31 4.29 -9.69 29.39
CA TYR B 31 5.35 -9.15 30.22
C TYR B 31 5.09 -7.70 30.60
N LYS B 32 5.79 -7.23 31.62
CA LYS B 32 5.69 -5.83 32.03
C LYS B 32 6.46 -4.95 31.06
N LEU B 33 6.06 -3.68 30.96
CA LEU B 33 6.73 -2.75 30.06
C LEU B 33 7.91 -2.07 30.76
N PRO B 34 9.11 -2.21 30.19
CA PRO B 34 10.34 -1.65 30.76
C PRO B 34 10.23 -0.15 31.05
N LYS B 35 10.35 0.21 32.32
CA LYS B 35 10.30 1.61 32.72
C LYS B 35 11.46 2.41 32.11
N SER B 36 12.55 1.71 31.81
CA SER B 36 13.71 2.32 31.17
C SER B 36 13.98 1.66 29.82
N PRO B 37 13.19 2.04 28.80
CA PRO B 37 13.27 1.46 27.46
C PRO B 37 14.70 1.40 26.92
N ASN B 38 15.04 0.28 26.29
CA ASN B 38 16.35 0.11 25.69
C ASN B 38 16.50 1.00 24.46
N VAL B 39 17.67 1.62 24.31
CA VAL B 39 17.92 2.54 23.21
C VAL B 39 17.76 1.87 21.85
N LYS B 40 18.22 0.62 21.76
CA LYS B 40 18.26 -0.09 20.48
C LYS B 40 17.01 -0.92 20.20
N PHE B 41 16.55 -1.68 21.20
CA PHE B 41 15.44 -2.60 21.00
C PHE B 41 14.19 -2.21 21.79
N TYR B 42 14.31 -1.16 22.59
CA TYR B 42 13.22 -0.71 23.47
C TYR B 42 13.02 -1.68 24.64
N ILE B 43 12.97 -2.97 24.33
CA ILE B 43 12.89 -3.99 25.36
C ILE B 43 14.29 -4.54 25.63
N GLN B 44 14.51 -5.01 26.85
CA GLN B 44 15.82 -5.56 27.22
C GLN B 44 16.22 -6.71 26.29
N TYR B 45 17.50 -6.72 25.91
CA TYR B 45 18.00 -7.70 24.96
C TYR B 45 17.77 -9.16 25.38
N ASP B 46 17.82 -9.40 26.69
CA ASP B 46 17.63 -10.75 27.20
C ASP B 46 16.24 -11.28 26.85
N LYS B 47 15.21 -10.50 27.16
CA LYS B 47 13.83 -10.89 26.88
C LYS B 47 13.58 -11.01 25.38
N LEU B 48 14.23 -10.15 24.60
CA LEU B 48 14.14 -10.21 23.15
C LEU B 48 14.60 -11.58 22.66
N GLN B 49 15.70 -12.07 23.23
CA GLN B 49 16.23 -13.38 22.89
C GLN B 49 15.31 -14.50 23.36
N GLN B 50 14.69 -14.30 24.53
CA GLN B 50 13.74 -15.27 25.06
C GLN B 50 12.58 -15.43 24.09
N ILE B 51 12.13 -14.31 23.51
CA ILE B 51 11.06 -14.34 22.53
C ILE B 51 11.51 -15.08 21.26
N LYS B 52 12.74 -14.82 20.85
CA LYS B 52 13.31 -15.48 19.68
C LYS B 52 13.47 -16.98 19.90
N ASN B 53 13.88 -17.34 21.11
CA ASN B 53 14.09 -18.74 21.46
C ASN B 53 12.81 -19.42 21.94
N ASP B 54 11.71 -19.19 21.21
CA ASP B 54 10.43 -19.77 21.57
C ASP B 54 9.58 -20.04 20.33
N GLU B 55 9.50 -21.30 19.93
CA GLU B 55 8.76 -21.68 18.74
C GLU B 55 7.25 -21.55 18.91
N GLU B 56 6.83 -21.13 20.10
CA GLU B 56 5.40 -20.94 20.39
C GLU B 56 5.00 -19.48 20.23
N ILE B 57 5.90 -18.67 19.65
CA ILE B 57 5.63 -17.26 19.43
C ILE B 57 5.84 -16.92 17.95
N SER B 58 4.81 -16.37 17.32
CA SER B 58 4.89 -16.04 15.90
C SER B 58 4.80 -14.53 15.68
N THR B 59 4.46 -13.79 16.74
CA THR B 59 4.32 -12.35 16.65
C THR B 59 4.61 -11.66 17.98
N LEU B 60 5.51 -10.68 17.95
CA LEU B 60 5.83 -9.90 19.14
C LEU B 60 5.10 -8.57 19.10
N ILE B 61 4.27 -8.31 20.10
CA ILE B 61 3.50 -7.08 20.17
C ILE B 61 3.84 -6.25 21.41
N ILE B 62 4.38 -5.06 21.17
CA ILE B 62 4.70 -4.14 22.25
C ILE B 62 3.71 -2.97 22.23
N PHE B 63 2.90 -2.85 23.27
CA PHE B 63 1.86 -1.82 23.32
C PHE B 63 2.45 -0.45 23.60
N GLU B 64 3.14 0.10 22.60
CA GLU B 64 3.75 1.42 22.69
C GLU B 64 4.11 1.90 21.29
N GLN B 65 4.60 3.13 21.20
CA GLN B 65 5.02 3.68 19.92
C GLN B 65 6.53 3.57 19.76
N LEU B 66 6.96 2.64 18.89
CA LEU B 66 8.38 2.40 18.68
C LEU B 66 8.94 3.27 17.56
N LYS B 67 10.20 3.68 17.72
CA LYS B 67 10.88 4.45 16.69
C LYS B 67 11.38 3.50 15.61
N PRO B 68 11.59 4.02 14.39
CA PRO B 68 12.05 3.19 13.27
C PRO B 68 13.27 2.33 13.60
N ARG B 69 14.20 2.89 14.37
CA ARG B 69 15.42 2.14 14.72
C ARG B 69 15.10 0.92 15.57
N HIS B 70 14.03 1.00 16.36
CA HIS B 70 13.61 -0.13 17.17
C HIS B 70 13.12 -1.28 16.29
N PHE B 71 12.22 -0.95 15.36
CA PHE B 71 11.71 -1.95 14.42
C PHE B 71 12.84 -2.63 13.67
N ILE B 72 13.79 -1.82 13.19
CA ILE B 72 14.92 -2.34 12.42
C ILE B 72 15.74 -3.34 13.23
N ASN B 73 16.11 -2.97 14.45
CA ASN B 73 16.91 -3.82 15.32
C ASN B 73 16.17 -5.08 15.76
N ILE B 74 14.88 -4.93 16.07
CA ILE B 74 14.06 -6.06 16.51
C ILE B 74 13.82 -7.03 15.37
N ARG B 75 13.45 -6.51 14.20
CA ARG B 75 13.22 -7.34 13.02
C ARG B 75 14.53 -7.99 12.55
N ARG B 76 15.64 -7.38 12.92
CA ARG B 76 16.95 -7.93 12.58
C ARG B 76 17.23 -9.17 13.42
N GLU B 77 16.84 -9.11 14.69
CA GLU B 77 17.02 -10.23 15.61
C GLU B 77 15.95 -11.31 15.37
N LEU B 78 14.69 -10.91 15.47
CA LEU B 78 13.58 -11.80 15.17
C LEU B 78 13.46 -11.97 13.67
N LYS B 79 14.41 -12.67 13.07
CA LYS B 79 14.52 -12.79 11.63
C LYS B 79 13.28 -13.42 10.97
N GLY B 80 12.69 -14.41 11.65
CA GLY B 80 11.57 -15.15 11.08
C GLY B 80 10.21 -14.73 11.60
N LYS B 81 10.18 -14.09 12.77
CA LYS B 81 8.92 -13.73 13.41
C LYS B 81 8.49 -12.30 13.12
N GLU B 82 7.22 -12.01 13.43
CA GLU B 82 6.65 -10.70 13.15
C GLU B 82 6.69 -9.82 14.40
N VAL B 83 6.74 -8.51 14.19
CA VAL B 83 6.74 -7.56 15.30
C VAL B 83 5.77 -6.40 15.05
N LEU B 84 5.04 -6.02 16.08
CA LEU B 84 4.07 -4.93 15.98
C LEU B 84 4.09 -4.05 17.22
N ASP B 85 3.76 -2.78 17.04
CA ASP B 85 3.58 -1.87 18.16
C ASP B 85 2.14 -1.38 18.21
N LYS B 86 1.85 -0.39 19.04
CA LYS B 86 0.50 0.13 19.16
C LYS B 86 -0.07 0.56 17.82
N ILE B 87 0.71 1.34 17.08
CA ILE B 87 0.25 1.88 15.80
C ILE B 87 -0.04 0.80 14.76
N LEU B 88 0.90 -0.12 14.59
CA LEU B 88 0.73 -1.20 13.64
C LEU B 88 -0.41 -2.13 14.03
N LEU B 89 -0.60 -2.32 15.33
CA LEU B 89 -1.68 -3.16 15.85
C LEU B 89 -3.04 -2.55 15.54
N LEU B 90 -3.20 -1.29 15.90
CA LEU B 90 -4.46 -0.58 15.67
C LEU B 90 -4.82 -0.56 14.19
N LEU B 91 -3.84 -0.29 13.34
CA LEU B 91 -4.05 -0.26 11.89
C LEU B 91 -4.50 -1.62 11.37
N GLU B 92 -3.98 -2.68 11.97
CA GLU B 92 -4.35 -4.04 11.58
C GLU B 92 -5.78 -4.32 12.02
N ILE B 93 -6.16 -3.74 13.15
CA ILE B 93 -7.52 -3.88 13.66
C ILE B 93 -8.50 -3.07 12.82
N PHE B 94 -8.06 -1.89 12.38
CA PHE B 94 -8.89 -1.05 11.51
C PHE B 94 -9.22 -1.78 10.23
N ALA B 95 -8.25 -2.50 9.67
CA ALA B 95 -8.44 -3.23 8.43
C ALA B 95 -9.44 -4.36 8.58
N LEU B 96 -9.62 -4.83 9.82
CA LEU B 96 -10.57 -5.89 10.10
C LEU B 96 -12.01 -5.37 10.12
N HIS B 97 -12.19 -4.17 10.67
CA HIS B 97 -13.50 -3.54 10.71
C HIS B 97 -13.79 -2.75 9.45
N ALA B 98 -12.77 -2.62 8.60
CA ALA B 98 -12.91 -1.85 7.37
C ALA B 98 -13.98 -2.43 6.46
N GLY B 99 -14.94 -1.58 6.08
CA GLY B 99 -16.02 -2.00 5.22
C GLY B 99 -15.92 -1.44 3.82
N SER B 100 -15.69 -0.12 3.73
CA SER B 100 -15.58 0.56 2.45
C SER B 100 -14.16 0.49 1.90
N LYS B 101 -14.04 0.61 0.57
CA LYS B 101 -12.74 0.59 -0.08
C LYS B 101 -11.90 1.80 0.35
N GLU B 102 -12.57 2.93 0.56
CA GLU B 102 -11.90 4.14 1.00
C GLU B 102 -11.23 3.91 2.35
N ALA B 103 -11.91 3.18 3.23
CA ALA B 103 -11.36 2.84 4.53
C ALA B 103 -10.12 1.96 4.38
N LYS B 104 -10.22 0.97 3.50
CA LYS B 104 -9.10 0.09 3.20
C LYS B 104 -7.88 0.92 2.80
N MET B 105 -8.09 1.86 1.89
CA MET B 105 -7.02 2.68 1.36
C MET B 105 -6.41 3.59 2.43
N GLN B 106 -7.27 4.29 3.16
CA GLN B 106 -6.82 5.17 4.24
C GLN B 106 -5.95 4.42 5.24
N ILE B 107 -6.38 3.23 5.63
CA ILE B 107 -5.64 2.41 6.58
C ILE B 107 -4.28 2.01 6.02
N GLU B 108 -4.27 1.56 4.77
CA GLU B 108 -3.04 1.15 4.11
C GLU B 108 -2.09 2.33 3.92
N LEU B 109 -2.66 3.51 3.63
CA LEU B 109 -1.88 4.73 3.48
C LEU B 109 -1.11 5.04 4.75
N ALA B 110 -1.82 5.05 5.87
CA ALA B 110 -1.21 5.32 7.16
C ALA B 110 -0.15 4.28 7.49
N ARG B 111 -0.41 3.04 7.10
CA ARG B 111 0.52 1.94 7.36
C ARG B 111 1.81 2.11 6.57
N LEU B 112 1.69 2.55 5.32
CA LEU B 112 2.86 2.76 4.48
C LEU B 112 3.68 3.96 4.96
N LYS B 113 3.00 5.07 5.24
CA LYS B 113 3.68 6.27 5.74
C LYS B 113 4.42 5.99 7.05
N TYR B 114 3.98 4.95 7.75
CA TYR B 114 4.58 4.60 9.04
C TYR B 114 5.66 3.55 8.86
N GLU B 115 5.60 2.83 7.74
CA GLU B 115 6.53 1.74 7.48
C GLU B 115 7.72 2.20 6.64
N LEU B 116 7.51 3.19 5.79
CA LEU B 116 8.58 3.74 4.96
C LEU B 116 9.79 4.22 5.79
N PRO B 117 9.55 5.08 6.79
CA PRO B 117 10.66 5.59 7.60
C PRO B 117 11.44 4.46 8.28
N ILE B 118 10.81 3.31 8.46
CA ILE B 118 11.47 2.17 9.09
C ILE B 118 12.53 1.57 8.17
N ILE B 119 12.14 1.30 6.93
CA ILE B 119 13.06 0.72 5.95
C ILE B 119 14.06 1.76 5.44
N LYS B 120 13.64 3.02 5.45
CA LYS B 120 14.48 4.12 4.99
C LYS B 120 15.87 4.08 5.61
N GLU B 121 15.92 3.78 6.90
CA GLU B 121 17.17 3.85 7.65
C GLU B 121 17.87 2.49 7.73
N THR B 122 18.55 2.11 6.65
CA THR B 122 19.28 0.85 6.61
C THR B 122 20.49 0.95 5.69
N ASN B 178 -35.89 -4.23 2.96
CA ASN B 178 -34.43 -4.29 3.00
C ASN B 178 -33.90 -4.58 4.40
N ILE B 179 -32.96 -5.52 4.48
CA ILE B 179 -32.37 -5.91 5.76
C ILE B 179 -31.74 -4.73 6.49
N PRO B 180 -32.20 -4.47 7.73
CA PRO B 180 -31.68 -3.39 8.56
C PRO B 180 -30.25 -3.64 9.00
N SER B 181 -29.48 -2.57 9.20
CA SER B 181 -28.10 -2.68 9.65
C SER B 181 -27.92 -2.02 11.02
N ILE B 182 -27.54 -2.82 12.01
CA ILE B 182 -27.30 -2.31 13.35
C ILE B 182 -25.81 -2.27 13.65
N GLY B 183 -25.30 -1.09 13.97
CA GLY B 183 -23.90 -0.92 14.27
C GLY B 183 -23.61 -0.90 15.75
N ILE B 184 -22.71 -1.78 16.20
CA ILE B 184 -22.33 -1.84 17.59
C ILE B 184 -21.11 -0.94 17.85
N VAL B 185 -21.31 0.08 18.68
CA VAL B 185 -20.25 1.05 18.94
C VAL B 185 -19.94 1.16 20.43
N GLY B 186 -18.78 1.73 20.75
CA GLY B 186 -18.35 1.90 22.13
C GLY B 186 -16.86 1.67 22.30
N TYR B 187 -16.33 2.07 23.45
CA TYR B 187 -14.91 1.89 23.74
C TYR B 187 -14.57 0.41 23.88
N THR B 188 -13.30 0.08 23.69
CA THR B 188 -12.83 -1.28 23.88
C THR B 188 -13.02 -1.68 25.34
N ASN B 189 -13.24 -2.97 25.58
CA ASN B 189 -13.47 -3.47 26.93
C ASN B 189 -14.79 -3.00 27.52
N SER B 190 -15.71 -2.60 26.66
CA SER B 190 -17.07 -2.31 27.08
C SER B 190 -17.88 -3.58 26.91
N GLY B 191 -17.29 -4.56 26.24
CA GLY B 191 -17.93 -5.83 25.98
C GLY B 191 -18.48 -5.91 24.57
N LYS B 192 -18.17 -4.92 23.75
CA LYS B 192 -18.64 -4.85 22.38
C LYS B 192 -18.52 -6.18 21.65
N THR B 193 -17.28 -6.60 21.40
CA THR B 193 -17.01 -7.82 20.66
C THR B 193 -17.67 -9.03 21.32
N SER B 194 -17.58 -9.10 22.64
CA SER B 194 -18.21 -10.18 23.39
C SER B 194 -19.72 -10.20 23.12
N LEU B 195 -20.32 -9.02 23.14
CA LEU B 195 -21.74 -8.87 22.83
C LEU B 195 -22.02 -9.33 21.41
N PHE B 196 -21.21 -8.84 20.47
CA PHE B 196 -21.34 -9.21 19.07
C PHE B 196 -21.26 -10.72 18.89
N ASN B 197 -20.27 -11.33 19.52
CA ASN B 197 -20.08 -12.78 19.42
C ASN B 197 -21.23 -13.57 20.04
N SER B 198 -21.76 -13.07 21.15
CA SER B 198 -22.86 -13.73 21.83
C SER B 198 -24.13 -13.69 20.98
N LEU B 199 -24.38 -12.56 20.34
CA LEU B 199 -25.55 -12.40 19.50
C LEU B 199 -25.45 -13.19 18.20
N THR B 200 -24.29 -13.13 17.57
CA THR B 200 -24.07 -13.82 16.30
C THR B 200 -23.87 -15.32 16.51
N GLY B 201 -23.39 -15.70 17.70
CA GLY B 201 -23.14 -17.08 18.03
C GLY B 201 -21.75 -17.52 17.61
N LEU B 202 -20.85 -16.56 17.49
CA LEU B 202 -19.47 -16.84 17.10
C LEU B 202 -18.58 -17.04 18.33
N THR B 203 -17.47 -17.75 18.15
CA THR B 203 -16.55 -18.02 19.24
C THR B 203 -15.10 -17.78 18.81
N SER B 215 -14.16 -14.66 12.48
CA SER B 215 -14.38 -13.30 12.99
C SER B 215 -14.71 -12.34 11.85
N PRO B 216 -15.92 -12.46 11.29
CA PRO B 216 -16.38 -11.62 10.17
C PRO B 216 -16.54 -10.15 10.57
N LYS B 217 -16.75 -9.90 11.86
CA LYS B 217 -16.99 -8.54 12.35
C LYS B 217 -18.31 -7.96 11.84
N ARG B 218 -18.98 -8.71 10.98
CA ARG B 218 -20.29 -8.33 10.48
C ARG B 218 -21.06 -9.59 10.07
N TYR B 219 -22.12 -9.90 10.81
CA TYR B 219 -22.88 -11.13 10.55
C TYR B 219 -24.36 -10.90 10.75
N ALA B 220 -25.16 -11.31 9.77
CA ALA B 220 -26.61 -11.16 9.84
C ALA B 220 -27.24 -12.32 10.61
N ILE B 221 -28.00 -11.99 11.66
CA ILE B 221 -28.65 -13.00 12.47
C ILE B 221 -30.16 -12.90 12.39
N PRO B 222 -30.84 -14.06 12.41
CA PRO B 222 -32.30 -14.13 12.38
C PRO B 222 -32.91 -13.92 13.77
N ILE B 223 -33.72 -12.89 13.92
CA ILE B 223 -34.46 -12.68 15.16
C ILE B 223 -35.94 -12.87 14.89
N ASN B 224 -36.52 -13.90 15.51
CA ASN B 224 -37.90 -14.28 15.23
C ASN B 224 -38.09 -14.67 13.77
N ASN B 225 -38.65 -13.74 12.99
CA ASN B 225 -38.84 -13.96 11.56
C ASN B 225 -38.21 -12.85 10.73
N ARG B 226 -37.22 -12.18 11.30
CA ARG B 226 -36.54 -11.09 10.60
C ARG B 226 -35.03 -11.30 10.57
N LYS B 227 -34.43 -11.05 9.42
CA LYS B 227 -32.98 -11.12 9.27
C LYS B 227 -32.38 -9.74 9.49
N ILE B 228 -31.46 -9.65 10.44
CA ILE B 228 -30.85 -8.37 10.80
C ILE B 228 -29.33 -8.42 10.72
N MET B 229 -28.75 -7.45 10.03
CA MET B 229 -27.31 -7.38 9.88
C MET B 229 -26.66 -6.64 11.06
N LEU B 230 -25.82 -7.36 11.80
CA LEU B 230 -25.07 -6.76 12.90
C LEU B 230 -23.65 -6.40 12.44
N VAL B 231 -23.21 -5.19 12.77
CA VAL B 231 -21.88 -4.73 12.38
C VAL B 231 -21.09 -4.27 13.59
N ASP B 232 -20.03 -5.01 13.91
CA ASP B 232 -19.14 -4.64 14.99
C ASP B 232 -18.13 -3.61 14.49
N THR B 233 -18.46 -2.33 14.66
CA THR B 233 -17.60 -1.26 14.18
C THR B 233 -16.30 -1.19 14.98
N VAL B 234 -15.34 -0.42 14.49
CA VAL B 234 -14.09 -0.23 15.20
C VAL B 234 -14.33 0.48 16.52
N SER B 235 -13.83 -0.10 17.60
CA SER B 235 -14.05 0.43 18.94
C SER B 235 -13.46 1.83 19.09
N PHE B 236 -14.05 2.61 20.00
CA PHE B 236 -13.49 3.93 20.32
C PHE B 236 -12.12 3.76 20.96
N ILE B 237 -11.25 4.73 20.74
CA ILE B 237 -9.89 4.65 21.25
C ILE B 237 -9.48 5.92 22.00
N ARG B 238 -8.94 5.75 23.19
CA ARG B 238 -8.46 6.87 23.99
C ARG B 238 -7.02 7.22 23.61
N GLY B 239 -6.79 8.49 23.31
CA GLY B 239 -5.46 8.94 22.92
C GLY B 239 -5.00 8.28 21.63
N ILE B 240 -5.72 8.54 20.54
CA ILE B 240 -5.38 7.97 19.24
C ILE B 240 -4.16 8.64 18.65
N PRO B 241 -3.18 7.84 18.22
CA PRO B 241 -1.98 8.36 17.55
C PRO B 241 -2.35 9.23 16.35
N PRO B 242 -1.75 10.42 16.25
CA PRO B 242 -2.05 11.37 15.18
C PRO B 242 -1.91 10.75 13.80
N GLN B 243 -0.98 9.82 13.64
CA GLN B 243 -0.73 9.19 12.35
C GLN B 243 -1.95 8.46 11.81
N ILE B 244 -2.73 7.86 12.70
CA ILE B 244 -3.84 7.00 12.30
C ILE B 244 -5.20 7.63 12.53
N VAL B 245 -5.23 8.93 12.80
CA VAL B 245 -6.49 9.63 13.04
C VAL B 245 -7.44 9.53 11.84
N ASP B 246 -6.91 9.83 10.65
CA ASP B 246 -7.72 9.79 9.43
C ASP B 246 -8.26 8.39 9.16
N ALA B 247 -7.38 7.39 9.26
CA ALA B 247 -7.77 6.01 9.02
C ALA B 247 -8.87 5.57 9.98
N PHE B 248 -8.81 6.06 11.21
CA PHE B 248 -9.80 5.71 12.23
C PHE B 248 -11.19 6.23 11.88
N PHE B 249 -11.32 7.54 11.72
CA PHE B 249 -12.61 8.16 11.47
C PHE B 249 -13.28 7.67 10.19
N VAL B 250 -12.48 7.44 9.15
CA VAL B 250 -13.01 6.90 7.90
C VAL B 250 -13.56 5.50 8.12
N THR B 251 -12.92 4.75 9.01
CA THR B 251 -13.37 3.40 9.33
C THR B 251 -14.62 3.45 10.21
N LEU B 252 -14.67 4.41 11.10
CA LEU B 252 -15.80 4.56 12.03
C LEU B 252 -17.00 5.20 11.36
N SER B 253 -16.75 6.04 10.36
CA SER B 253 -17.83 6.74 9.66
C SER B 253 -18.85 5.77 9.04
N GLU B 254 -18.46 4.51 8.94
CA GLU B 254 -19.36 3.48 8.42
C GLU B 254 -20.57 3.32 9.33
N ALA B 255 -20.47 3.87 10.53
CA ALA B 255 -21.56 3.82 11.50
C ALA B 255 -22.70 4.74 11.09
N LYS B 256 -22.39 5.73 10.26
CA LYS B 256 -23.42 6.65 9.76
C LYS B 256 -24.41 5.93 8.86
N TYR B 257 -23.89 5.01 8.04
CA TYR B 257 -24.71 4.24 7.12
C TYR B 257 -25.68 3.34 7.88
N SER B 258 -25.29 2.91 9.07
CA SER B 258 -26.11 2.03 9.89
C SER B 258 -27.47 2.64 10.19
N ASP B 259 -28.51 1.84 10.05
CA ASP B 259 -29.88 2.28 10.29
C ASP B 259 -30.10 2.59 11.77
N ALA B 260 -29.36 1.91 12.62
CA ALA B 260 -29.45 2.13 14.06
C ALA B 260 -28.15 1.72 14.75
N LEU B 261 -27.93 2.21 15.96
CA LEU B 261 -26.70 1.91 16.69
C LEU B 261 -26.96 1.33 18.08
N ILE B 262 -26.00 0.56 18.57
CA ILE B 262 -26.04 0.04 19.93
C ILE B 262 -24.83 0.55 20.71
N LEU B 263 -25.06 1.45 21.66
CA LEU B 263 -23.99 2.02 22.45
C LEU B 263 -23.70 1.15 23.68
N VAL B 264 -22.58 0.45 23.65
CA VAL B 264 -22.19 -0.41 24.75
C VAL B 264 -21.34 0.35 25.78
N ILE B 265 -21.75 0.29 27.04
CA ILE B 265 -21.04 0.99 28.10
C ILE B 265 -20.67 0.05 29.24
N ASP B 266 -19.44 0.20 29.74
CA ASP B 266 -18.96 -0.62 30.85
C ASP B 266 -19.61 -0.14 32.15
N SER B 267 -20.37 -1.03 32.79
CA SER B 267 -21.11 -0.67 34.00
C SER B 267 -20.22 -0.68 35.24
N THR B 268 -19.00 -1.17 35.10
CA THR B 268 -18.09 -1.29 36.24
C THR B 268 -17.51 0.06 36.66
N PHE B 269 -17.57 1.04 35.76
CA PHE B 269 -17.04 2.37 36.05
C PHE B 269 -17.79 3.01 37.21
N SER B 270 -17.13 3.95 37.89
CA SER B 270 -17.77 4.75 38.92
C SER B 270 -18.63 5.82 38.27
N GLU B 271 -19.35 6.60 39.09
CA GLU B 271 -20.21 7.64 38.56
C GLU B 271 -19.44 8.63 37.69
N ASN B 272 -18.33 9.14 38.22
CA ASN B 272 -17.50 10.09 37.50
C ASN B 272 -17.07 9.56 36.13
N LEU B 273 -16.65 8.30 36.10
CA LEU B 273 -16.18 7.67 34.87
C LEU B 273 -17.33 7.36 33.92
N LEU B 274 -18.46 6.94 34.48
CA LEU B 274 -19.64 6.65 33.67
C LEU B 274 -20.11 7.90 32.93
N ILE B 275 -20.23 9.00 33.67
CA ILE B 275 -20.62 10.28 33.07
C ILE B 275 -19.61 10.69 32.01
N GLU B 276 -18.34 10.49 32.30
CA GLU B 276 -17.27 10.82 31.37
C GLU B 276 -17.35 9.97 30.10
N THR B 277 -17.50 8.67 30.28
CA THR B 277 -17.57 7.74 29.14
C THR B 277 -18.75 8.05 28.23
N LEU B 278 -19.90 8.33 28.84
CA LEU B 278 -21.10 8.68 28.09
C LEU B 278 -20.87 9.95 27.28
N GLN B 279 -20.36 10.98 27.94
CA GLN B 279 -20.08 12.26 27.28
C GLN B 279 -19.05 12.08 26.17
N SER B 280 -18.06 11.23 26.41
CA SER B 280 -17.03 10.97 25.41
C SER B 280 -17.58 10.18 24.23
N SER B 281 -18.37 9.15 24.53
CA SER B 281 -18.95 8.30 23.50
C SER B 281 -19.84 9.09 22.56
N PHE B 282 -20.75 9.88 23.12
CA PHE B 282 -21.65 10.70 22.32
C PHE B 282 -20.89 11.81 21.58
N GLU B 283 -19.88 12.36 22.24
CA GLU B 283 -19.05 13.39 21.64
C GLU B 283 -18.45 12.88 20.33
N ILE B 284 -17.97 11.65 20.35
CA ILE B 284 -17.39 11.03 19.16
C ILE B 284 -18.45 10.80 18.10
N LEU B 285 -19.65 10.45 18.53
CA LEU B 285 -20.75 10.22 17.60
C LEU B 285 -21.14 11.50 16.85
N ARG B 286 -21.06 12.63 17.55
CA ARG B 286 -21.30 13.92 16.92
C ARG B 286 -20.14 14.20 15.96
N GLU B 287 -18.93 13.88 16.40
CA GLU B 287 -17.73 14.15 15.65
C GLU B 287 -17.73 13.46 14.28
N ILE B 288 -18.45 12.36 14.18
CA ILE B 288 -18.55 11.63 12.92
C ILE B 288 -19.84 11.97 12.17
N GLY B 289 -20.72 12.72 12.82
CA GLY B 289 -21.93 13.18 12.18
C GLY B 289 -23.13 12.25 12.33
N VAL B 290 -23.32 11.72 13.52
CA VAL B 290 -24.49 10.88 13.80
C VAL B 290 -25.62 11.71 14.36
N SER B 291 -26.75 11.74 13.64
CA SER B 291 -27.88 12.56 14.05
C SER B 291 -29.20 11.99 13.55
N GLY B 292 -30.16 11.83 14.46
CA GLY B 292 -31.48 11.37 14.10
C GLY B 292 -31.63 9.85 14.07
N LYS B 293 -30.53 9.15 14.33
CA LYS B 293 -30.56 7.68 14.33
C LYS B 293 -30.82 7.12 15.73
N PRO B 294 -31.76 6.18 15.83
CA PRO B 294 -32.10 5.55 17.11
C PRO B 294 -30.89 4.87 17.72
N ILE B 295 -30.62 5.16 19.00
CA ILE B 295 -29.49 4.55 19.70
C ILE B 295 -29.96 3.75 20.91
N LEU B 296 -29.66 2.46 20.91
CA LEU B 296 -29.99 1.60 22.04
C LEU B 296 -28.76 1.43 22.94
N VAL B 297 -28.84 1.99 24.15
CA VAL B 297 -27.72 1.92 25.08
C VAL B 297 -27.80 0.66 25.93
N THR B 298 -26.71 -0.11 25.95
CA THR B 298 -26.65 -1.34 26.71
C THR B 298 -25.60 -1.27 27.81
N LEU B 299 -26.06 -1.40 29.06
CA LEU B 299 -25.16 -1.38 30.20
C LEU B 299 -24.58 -2.78 30.41
N ASN B 300 -23.38 -3.00 29.89
CA ASN B 300 -22.79 -4.34 29.88
C ASN B 300 -21.90 -4.63 31.10
N LYS B 301 -21.51 -5.89 31.25
CA LYS B 301 -20.66 -6.33 32.34
C LYS B 301 -21.31 -6.14 33.71
N ILE B 302 -22.61 -6.38 33.78
CA ILE B 302 -23.34 -6.26 35.04
C ILE B 302 -23.03 -7.45 35.95
N ASP B 303 -22.44 -8.49 35.37
CA ASP B 303 -22.07 -9.68 36.13
C ASP B 303 -20.88 -9.41 37.04
N LYS B 304 -20.30 -8.22 36.91
CA LYS B 304 -19.17 -7.83 37.74
C LYS B 304 -19.58 -6.71 38.69
N ILE B 305 -20.88 -6.47 38.79
CA ILE B 305 -21.43 -5.49 39.71
C ILE B 305 -22.17 -6.18 40.85
N ASN B 306 -21.83 -5.82 42.08
CA ASN B 306 -22.43 -6.45 43.25
C ASN B 306 -23.82 -5.89 43.58
N GLY B 307 -23.91 -4.58 43.74
CA GLY B 307 -25.13 -3.93 44.15
C GLY B 307 -26.18 -3.80 43.07
N ASP B 308 -27.01 -2.77 43.17
CA ASP B 308 -28.07 -2.52 42.21
C ASP B 308 -27.54 -1.94 40.91
N LEU B 309 -28.36 -2.02 39.87
CA LEU B 309 -28.00 -1.49 38.56
C LEU B 309 -28.84 -0.25 38.28
N TYR B 310 -29.88 -0.07 39.07
CA TYR B 310 -30.84 1.02 38.85
C TYR B 310 -30.20 2.40 38.93
N LYS B 311 -29.42 2.63 39.99
CA LYS B 311 -28.77 3.93 40.17
C LYS B 311 -27.95 4.33 38.95
N LYS B 312 -27.25 3.35 38.37
CA LYS B 312 -26.45 3.59 37.17
C LYS B 312 -27.32 3.59 35.93
N LEU B 313 -28.39 2.80 35.96
CA LEU B 313 -29.31 2.69 34.84
C LEU B 313 -30.06 4.01 34.64
N ASP B 314 -30.50 4.61 35.75
CA ASP B 314 -31.18 5.90 35.71
C ASP B 314 -30.21 7.00 35.29
N LEU B 315 -29.00 6.93 35.83
CA LEU B 315 -27.97 7.91 35.50
C LEU B 315 -27.67 7.89 34.01
N VAL B 316 -27.44 6.70 33.48
CA VAL B 316 -27.15 6.54 32.06
C VAL B 316 -28.31 6.99 31.19
N GLU B 317 -29.52 6.54 31.53
CA GLU B 317 -30.70 6.88 30.76
C GLU B 317 -30.97 8.38 30.77
N LYS B 318 -30.83 8.99 31.95
CA LYS B 318 -31.06 10.42 32.10
C LYS B 318 -30.06 11.23 31.29
N LEU B 319 -28.77 10.94 31.49
CA LEU B 319 -27.69 11.67 30.83
C LEU B 319 -27.73 11.46 29.32
N SER B 320 -27.95 10.23 28.89
CA SER B 320 -27.97 9.90 27.47
C SER B 320 -29.03 10.69 26.71
N LYS B 321 -30.21 10.81 27.30
CA LYS B 321 -31.31 11.52 26.65
C LYS B 321 -31.10 13.03 26.70
N GLU B 322 -30.21 13.48 27.57
CA GLU B 322 -29.85 14.88 27.64
C GLU B 322 -28.81 15.21 26.58
N LEU B 323 -28.03 14.21 26.20
CA LEU B 323 -26.92 14.40 25.26
C LEU B 323 -27.31 14.03 23.83
N TYR B 324 -28.27 13.12 23.67
CA TYR B 324 -28.64 12.63 22.35
C TYR B 324 -30.10 12.25 22.22
N SER B 325 -30.59 12.28 20.98
CA SER B 325 -31.95 11.85 20.66
C SER B 325 -31.98 11.38 19.21
N PRO B 326 -32.78 10.35 18.91
CA PRO B 326 -33.65 9.64 19.87
C PRO B 326 -32.92 8.49 20.58
N ILE B 327 -33.18 8.34 21.88
CA ILE B 327 -32.70 7.19 22.62
C ILE B 327 -33.78 6.13 22.67
N PHE B 328 -33.57 5.03 21.94
CA PHE B 328 -34.57 3.97 21.85
C PHE B 328 -34.86 3.32 23.18
N ASP B 329 -33.80 2.94 23.90
CA ASP B 329 -33.95 2.28 25.19
C ASP B 329 -32.61 2.11 25.89
N VAL B 330 -32.66 1.77 27.18
CA VAL B 330 -31.46 1.54 27.97
C VAL B 330 -31.64 0.30 28.83
N ILE B 331 -30.98 -0.79 28.45
CA ILE B 331 -31.14 -2.06 29.16
C ILE B 331 -29.81 -2.63 29.65
N PRO B 332 -29.82 -3.20 30.86
CA PRO B 332 -28.65 -3.86 31.45
C PRO B 332 -28.47 -5.26 30.86
N ILE B 333 -27.23 -5.62 30.55
CA ILE B 333 -26.94 -6.95 29.99
C ILE B 333 -25.60 -7.47 30.47
N SER B 334 -25.30 -8.71 30.10
CA SER B 334 -24.00 -9.33 30.37
C SER B 334 -23.60 -10.23 29.23
N ALA B 335 -22.70 -9.74 28.38
CA ALA B 335 -22.27 -10.47 27.19
C ALA B 335 -21.80 -11.88 27.53
N LEU B 336 -21.08 -12.01 28.64
CA LEU B 336 -20.55 -13.31 29.07
C LEU B 336 -21.64 -14.23 29.61
N LYS B 337 -22.31 -13.78 30.66
CA LYS B 337 -23.31 -14.61 31.34
C LYS B 337 -24.61 -14.72 30.56
N ARG B 338 -24.69 -14.01 29.43
CA ARG B 338 -25.88 -14.02 28.58
C ARG B 338 -27.09 -13.40 29.26
N THR B 339 -26.85 -12.67 30.35
CA THR B 339 -27.93 -12.05 31.11
C THR B 339 -28.67 -11.00 30.29
N ASN B 340 -29.98 -11.18 30.14
CA ASN B 340 -30.83 -10.23 29.43
C ASN B 340 -30.60 -10.19 27.91
N LEU B 341 -29.80 -11.11 27.40
CA LEU B 341 -29.54 -11.17 25.96
C LEU B 341 -30.84 -11.39 25.19
N GLU B 342 -31.77 -12.14 25.78
CA GLU B 342 -33.07 -12.37 25.16
C GLU B 342 -33.89 -11.09 25.15
N LEU B 343 -33.77 -10.30 26.19
CA LEU B 343 -34.44 -9.00 26.24
C LEU B 343 -33.87 -8.09 25.16
N LEU B 344 -32.55 -8.14 25.01
CA LEU B 344 -31.87 -7.36 23.99
C LEU B 344 -32.33 -7.79 22.59
N ARG B 345 -32.33 -9.09 22.34
CA ARG B 345 -32.79 -9.63 21.07
C ARG B 345 -34.19 -9.10 20.73
N ASP B 346 -35.04 -9.03 21.75
CA ASP B 346 -36.41 -8.54 21.56
C ASP B 346 -36.42 -7.05 21.24
N LYS B 347 -35.59 -6.28 21.94
CA LYS B 347 -35.49 -4.85 21.71
C LYS B 347 -34.92 -4.54 20.32
N ILE B 348 -34.07 -5.43 19.83
CA ILE B 348 -33.52 -5.30 18.49
C ILE B 348 -34.61 -5.52 17.45
N TYR B 349 -35.52 -6.44 17.74
CA TYR B 349 -36.63 -6.75 16.85
C TYR B 349 -37.61 -5.58 16.81
N GLN B 350 -37.97 -5.08 17.98
CA GLN B 350 -38.86 -3.92 18.09
C GLN B 350 -38.28 -2.74 17.32
N LEU B 351 -36.96 -2.64 17.34
CA LEU B 351 -36.26 -1.56 16.64
C LEU B 351 -36.28 -1.80 15.14
N ALA B 352 -36.16 -3.06 14.75
CA ALA B 352 -36.18 -3.43 13.33
C ALA B 352 -37.55 -3.21 12.71
N THR B 353 -38.60 -3.40 13.52
CA THR B 353 -39.97 -3.21 13.06
C THR B 353 -40.30 -1.74 12.93
N GLN B 354 -39.73 -0.93 13.83
CA GLN B 354 -39.98 0.51 13.83
C GLN B 354 -39.28 1.19 12.65
N LEU B 355 -38.25 0.54 12.13
CA LEU B 355 -37.46 1.11 11.04
C LEU B 355 -38.02 0.73 9.66
N SER B 356 -38.88 -0.29 9.63
CA SER B 356 -39.43 -0.79 8.38
C SER B 356 -40.64 0.03 7.92
N LEU B 357 -40.87 1.16 8.58
CA LEU B 357 -42.00 2.02 8.23
C LEU B 357 -41.64 3.51 8.20
N GLU B 358 -40.92 3.98 9.22
CA GLU B 358 -40.52 5.37 9.27
C GLU B 358 -39.40 5.67 8.28
S SCN C . 17.13 -0.08 -30.74
C SCN C . 17.96 -0.20 -32.33
N SCN C . 18.53 -0.27 -33.37
#